data_4A8X
#
_entry.id   4A8X
#
_cell.length_a   38.868
_cell.length_b   73.331
_cell.length_c   50.754
_cell.angle_alpha   90.00
_cell.angle_beta   110.99
_cell.angle_gamma   90.00
#
_symmetry.space_group_name_H-M   'P 1 21 1'
#
loop_
_entity.id
_entity.type
_entity.pdbx_description
1 polymer 'RNA-BINDING PROTEIN WITH SERINE-RICH DOMAIN 1'
2 polymer 'HOOK-LIKE, ISOFORM A'
3 polymer 'HISTONE DEACETYLASE COMPLEX SUBUNIT SAP18'
4 water water
#
loop_
_entity_poly.entity_id
_entity_poly.type
_entity_poly.pdbx_seq_one_letter_code
_entity_poly.pdbx_strand_id
1 'polypeptide(L)'
;SMKPTKVHIGRLTRNVTKDHIMEIFSTYGKIKMIDMPVERMHPHLSKGYAYVEFENPDEAEKALKHMDGGQIDGQEITAT
AVLAPWPR
;
A
2 'polypeptide(L)' KENEPPIRLLDDLFRKTKGTPCIYWLPLTPEAIAEKEAFR B
3 'polypeptide(L)'
;KEPEKPIDREKTCPLLLRVFTTNNGRHHRMDEFSRGNVPSSELQIYTWMDATLKELTSLVKEVYPEARKKGTHFNFAIVF
MDLKRPGYRVKEIGSTMSGRKGTDDSMTLQSQKFQIGDYLDIAITPPNRA
;
C
#
# COMPACT_ATOMS: atom_id res chain seq x y z
N SER A 1 34.85 -11.05 -9.13
CA SER A 1 35.27 -10.09 -10.16
C SER A 1 34.17 -9.77 -11.19
N MET A 2 33.46 -10.78 -11.71
CA MET A 2 32.28 -10.49 -12.54
C MET A 2 31.25 -9.74 -11.67
N LYS A 3 30.44 -8.88 -12.27
CA LYS A 3 29.51 -8.10 -11.47
C LYS A 3 28.16 -8.84 -11.43
N PRO A 4 27.37 -8.59 -10.39
CA PRO A 4 26.12 -9.34 -10.20
C PRO A 4 25.02 -8.87 -11.15
N THR A 5 24.07 -9.76 -11.45
CA THR A 5 22.87 -9.39 -12.22
C THR A 5 21.56 -9.53 -11.42
N LYS A 6 21.63 -10.10 -10.24
CA LYS A 6 20.43 -10.34 -9.42
C LYS A 6 20.32 -9.33 -8.30
N VAL A 7 19.14 -8.82 -8.06
CA VAL A 7 18.91 -7.85 -6.99
C VAL A 7 17.76 -8.28 -6.05
N HIS A 8 17.92 -7.99 -4.75
CA HIS A 8 16.84 -8.21 -3.76
C HIS A 8 16.11 -6.88 -3.55
N ILE A 9 14.81 -6.91 -3.70
CA ILE A 9 13.96 -5.75 -3.43
C ILE A 9 13.20 -5.96 -2.12
N GLY A 10 13.34 -5.01 -1.19
CA GLY A 10 12.78 -5.15 0.15
C GLY A 10 11.76 -4.07 0.47
N ARG A 11 10.96 -4.33 1.51
CA ARG A 11 9.95 -3.39 2.02
C ARG A 11 8.79 -3.17 1.03
N LEU A 12 8.40 -4.22 0.34
CA LEU A 12 7.27 -4.14 -0.57
C LEU A 12 6.00 -4.17 0.26
N THR A 13 5.07 -3.25 0.03
CA THR A 13 3.79 -3.33 0.71
C THR A 13 2.99 -4.57 0.31
N ARG A 14 1.98 -4.89 1.15
CA ARG A 14 1.06 -5.98 0.86
C ARG A 14 0.17 -5.77 -0.38
N ASN A 15 0.14 -4.55 -0.94
CA ASN A 15 -0.57 -4.34 -2.20
C ASN A 15 0.28 -4.75 -3.43
N VAL A 16 1.61 -4.88 -3.28
CA VAL A 16 2.49 -5.05 -4.47
C VAL A 16 2.45 -6.48 -5.01
N THR A 17 2.12 -6.62 -6.30
CA THR A 17 2.05 -7.91 -6.98
C THR A 17 3.33 -8.20 -7.76
N LYS A 18 3.51 -9.47 -8.13
CA LYS A 18 4.63 -9.88 -8.97
C LYS A 18 4.61 -9.11 -10.28
N ASP A 19 3.42 -8.87 -10.86
CA ASP A 19 3.29 -8.09 -12.11
C ASP A 19 3.71 -6.63 -11.96
N HIS A 20 3.46 -6.05 -10.78
CA HIS A 20 3.87 -4.69 -10.51
C HIS A 20 5.40 -4.65 -10.57
N ILE A 21 6.04 -5.66 -9.99
CA ILE A 21 7.50 -5.70 -9.93
C ILE A 21 8.06 -5.86 -11.34
N MET A 22 7.43 -6.71 -12.15
CA MET A 22 7.85 -6.91 -13.53
C MET A 22 7.77 -5.59 -14.30
N GLU A 23 6.62 -4.93 -14.18
CA GLU A 23 6.39 -3.66 -14.87
C GLU A 23 7.39 -2.57 -14.42
N ILE A 24 7.59 -2.42 -13.10
CA ILE A 24 8.41 -1.35 -12.61
C ILE A 24 9.91 -1.57 -12.98
N PHE A 25 10.42 -2.75 -12.74
CA PHE A 25 11.85 -2.98 -12.87
C PHE A 25 12.29 -3.23 -14.31
N SER A 26 11.33 -3.55 -15.15
CA SER A 26 11.58 -3.66 -16.59
C SER A 26 11.98 -2.30 -17.15
N THR A 27 11.59 -1.23 -16.45
CA THR A 27 12.10 0.11 -16.73
C THR A 27 13.64 0.11 -16.88
N TYR A 28 14.33 -0.78 -16.17
CA TYR A 28 15.79 -0.68 -16.03
C TYR A 28 16.53 -1.74 -16.86
N GLY A 29 15.82 -2.67 -17.49
CA GLY A 29 16.48 -3.68 -18.28
C GLY A 29 15.59 -4.87 -18.49
N LYS A 30 16.12 -5.86 -19.18
CA LYS A 30 15.41 -7.09 -19.47
C LYS A 30 15.51 -8.04 -18.28
N ILE A 31 14.36 -8.47 -17.78
CA ILE A 31 14.30 -9.33 -16.63
C ILE A 31 14.28 -10.78 -17.10
N LYS A 32 15.19 -11.58 -16.56
CA LYS A 32 15.32 -12.98 -16.93
C LYS A 32 14.63 -13.91 -15.94
N MET A 33 14.46 -13.47 -14.69
CA MET A 33 13.76 -14.28 -13.68
C MET A 33 13.29 -13.40 -12.53
N ILE A 34 12.11 -13.73 -11.97
CA ILE A 34 11.62 -13.10 -10.75
C ILE A 34 11.21 -14.16 -9.72
N ASP A 35 11.51 -13.88 -8.45
CA ASP A 35 11.08 -14.78 -7.38
C ASP A 35 10.48 -13.94 -6.25
N MET A 36 9.17 -14.07 -6.04
CA MET A 36 8.44 -13.32 -5.05
C MET A 36 7.66 -14.32 -4.14
N PRO A 37 8.32 -14.79 -3.07
CA PRO A 37 7.73 -15.85 -2.25
C PRO A 37 6.47 -15.37 -1.54
N VAL A 38 5.54 -16.30 -1.31
CA VAL A 38 4.25 -16.00 -0.70
C VAL A 38 4.18 -16.57 0.70
N GLU A 39 3.26 -16.06 1.50
CA GLU A 39 3.05 -16.59 2.85
C GLU A 39 2.54 -18.05 2.75
N ARG A 40 3.31 -18.96 3.34
CA ARG A 40 2.95 -20.38 3.38
C ARG A 40 1.48 -20.61 3.72
N MET A 41 1.05 -20.03 4.84
CA MET A 41 -0.29 -20.24 5.35
C MET A 41 -1.31 -19.24 4.78
N HIS A 42 -0.85 -18.23 4.04
CA HIS A 42 -1.74 -17.33 3.32
CA HIS A 42 -1.76 -17.36 3.30
C HIS A 42 -1.15 -17.01 1.94
N PRO A 43 -1.25 -17.96 1.00
CA PRO A 43 -0.61 -17.85 -0.33
C PRO A 43 -1.01 -16.62 -1.16
N HIS A 44 -2.11 -15.95 -0.82
CA HIS A 44 -2.52 -14.78 -1.60
C HIS A 44 -1.67 -13.55 -1.26
N LEU A 45 -0.83 -13.70 -0.24
CA LEU A 45 -0.01 -12.61 0.27
C LEU A 45 1.47 -12.91 0.05
N SER A 46 2.22 -11.87 -0.27
CA SER A 46 3.67 -12.01 -0.42
C SER A 46 4.33 -11.89 0.94
N LYS A 47 5.63 -12.20 1.00
CA LYS A 47 6.41 -11.96 2.19
C LYS A 47 7.06 -10.58 2.23
N GLY A 48 6.75 -9.73 1.26
CA GLY A 48 7.22 -8.35 1.31
C GLY A 48 8.57 -8.11 0.64
N TYR A 49 9.03 -9.06 -0.15
CA TYR A 49 10.25 -8.89 -0.90
C TYR A 49 10.24 -9.68 -2.22
N ALA A 50 11.17 -9.34 -3.12
CA ALA A 50 11.32 -10.05 -4.39
C ALA A 50 12.79 -10.10 -4.80
N TYR A 51 13.17 -11.14 -5.54
CA TYR A 51 14.45 -11.12 -6.25
C TYR A 51 14.17 -10.90 -7.73
N VAL A 52 14.97 -10.03 -8.34
CA VAL A 52 14.88 -9.78 -9.77
C VAL A 52 16.27 -9.98 -10.42
N GLU A 53 16.32 -10.83 -11.44
CA GLU A 53 17.58 -11.08 -12.14
C GLU A 53 17.49 -10.51 -13.54
N PHE A 54 18.45 -9.65 -13.87
CA PHE A 54 18.50 -9.01 -15.17
C PHE A 54 19.42 -9.78 -16.10
N GLU A 55 19.38 -9.42 -17.38
CA GLU A 55 20.22 -10.03 -18.39
C GLU A 55 21.69 -9.64 -18.27
N ASN A 56 21.97 -8.44 -17.80
CA ASN A 56 23.38 -8.04 -17.69
C ASN A 56 23.63 -7.11 -16.51
N PRO A 57 24.86 -7.08 -16.02
CA PRO A 57 25.21 -6.32 -14.83
C PRO A 57 24.92 -4.83 -14.93
N ASP A 58 25.04 -4.24 -16.12
CA ASP A 58 24.77 -2.81 -16.30
C ASP A 58 23.31 -2.50 -15.91
N GLU A 59 22.40 -3.36 -16.33
CA GLU A 59 20.99 -3.18 -15.99
C GLU A 59 20.75 -3.27 -14.47
N ALA A 60 21.30 -4.31 -13.84
CA ALA A 60 21.16 -4.44 -12.38
C ALA A 60 21.72 -3.22 -11.63
N GLU A 61 22.90 -2.77 -12.04
CA GLU A 61 23.49 -1.54 -11.52
C GLU A 61 22.52 -0.36 -11.66
N LYS A 62 21.90 -0.24 -12.82
CA LYS A 62 20.96 0.85 -13.11
C LYS A 62 19.76 0.79 -12.17
N ALA A 63 19.24 -0.41 -12.00
CA ALA A 63 18.09 -0.60 -11.11
C ALA A 63 18.45 -0.21 -9.68
N LEU A 64 19.61 -0.65 -9.24
CA LEU A 64 20.06 -0.33 -7.88
C LEU A 64 20.24 1.19 -7.71
N LYS A 65 20.89 1.79 -8.70
CA LYS A 65 21.09 3.24 -8.80
C LYS A 65 19.77 4.06 -8.63
N HIS A 66 18.72 3.70 -9.37
CA HIS A 66 17.43 4.43 -9.35
C HIS A 66 16.45 4.00 -8.27
N MET A 67 16.57 2.81 -7.72
CA MET A 67 15.50 2.31 -6.86
C MET A 67 15.87 1.89 -5.42
N ASP A 68 17.15 1.87 -5.08
CA ASP A 68 17.51 1.62 -3.70
C ASP A 68 17.22 2.92 -2.98
N GLY A 69 16.17 2.95 -2.16
CA GLY A 69 15.70 4.23 -1.63
C GLY A 69 14.58 4.87 -2.42
N GLY A 70 14.15 4.22 -3.51
CA GLY A 70 13.04 4.66 -4.32
C GLY A 70 11.75 4.30 -3.55
N GLN A 71 10.62 4.54 -4.18
CA GLN A 71 9.31 4.29 -3.55
C GLN A 71 8.41 3.43 -4.39
N ILE A 72 7.69 2.51 -3.75
CA ILE A 72 6.67 1.70 -4.40
C ILE A 72 5.44 1.61 -3.48
N ASP A 73 4.28 1.95 -4.03
CA ASP A 73 3.02 2.05 -3.30
C ASP A 73 3.14 2.81 -1.99
N GLY A 74 3.78 3.99 -2.05
CA GLY A 74 3.80 4.92 -0.94
C GLY A 74 4.79 4.59 0.14
N GLN A 75 5.66 3.62 -0.13
CA GLN A 75 6.63 3.16 0.84
C GLN A 75 8.03 3.13 0.23
N GLU A 76 9.01 3.61 0.99
CA GLU A 76 10.40 3.52 0.57
C GLU A 76 10.91 2.06 0.56
N ILE A 77 11.60 1.67 -0.52
CA ILE A 77 12.05 0.26 -0.68
C ILE A 77 13.58 0.21 -0.63
N THR A 78 14.11 -0.98 -0.44
CA THR A 78 15.56 -1.23 -0.48
C THR A 78 15.86 -2.04 -1.76
N ALA A 79 17.03 -1.84 -2.35
CA ALA A 79 17.46 -2.62 -3.50
C ALA A 79 18.93 -2.95 -3.32
N THR A 80 19.27 -4.23 -3.35
CA THR A 80 20.65 -4.61 -3.06
C THR A 80 21.09 -5.78 -3.93
N ALA A 81 22.36 -5.77 -4.33
CA ALA A 81 22.89 -6.84 -5.18
C ALA A 81 22.97 -8.12 -4.42
N VAL A 82 22.75 -9.21 -5.13
CA VAL A 82 22.79 -10.53 -4.52
C VAL A 82 23.62 -11.50 -5.33
N LEU A 83 24.53 -12.18 -4.65
CA LEU A 83 25.33 -13.22 -5.26
C LEU A 83 24.99 -14.54 -4.55
N ALA A 84 24.04 -15.29 -5.11
CA ALA A 84 23.71 -16.61 -4.56
C ALA A 84 22.89 -17.40 -5.59
N PRO A 85 23.04 -18.73 -5.62
CA PRO A 85 22.22 -19.52 -6.54
C PRO A 85 20.77 -19.44 -6.06
N TRP A 86 19.81 -19.78 -6.91
CA TRP A 86 18.41 -19.78 -6.46
C TRP A 86 18.21 -20.74 -5.29
N PRO A 87 17.31 -20.40 -4.36
CA PRO A 87 17.21 -21.17 -3.12
C PRO A 87 16.85 -22.63 -3.34
N ARG A 88 17.37 -23.51 -2.48
CA ARG A 88 16.94 -24.91 -2.43
C ARG A 88 16.31 -25.20 -1.08
N LEU B 9 -2.79 15.96 -10.97
CA LEU B 9 -1.54 16.35 -10.35
C LEU B 9 -0.76 15.10 -9.92
N LEU B 10 -1.42 14.10 -9.34
CA LEU B 10 -0.68 12.88 -8.94
C LEU B 10 0.10 12.30 -10.11
N ASP B 11 -0.52 12.28 -11.28
CA ASP B 11 0.09 11.67 -12.45
C ASP B 11 1.24 12.50 -13.04
N ASP B 12 1.30 13.78 -12.69
CA ASP B 12 2.44 14.62 -13.04
C ASP B 12 3.61 14.32 -12.12
N LEU B 13 3.31 13.98 -10.87
CA LEU B 13 4.33 13.85 -9.83
C LEU B 13 4.92 12.46 -9.72
N PHE B 14 4.07 11.45 -9.90
CA PHE B 14 4.40 10.07 -9.58
C PHE B 14 4.08 9.16 -10.75
N ARG B 15 4.71 7.99 -10.80
CA ARG B 15 4.46 7.00 -11.84
C ARG B 15 3.36 6.08 -11.40
N LYS B 16 2.54 5.61 -12.32
CA LYS B 16 1.44 4.73 -11.93
C LYS B 16 1.51 3.45 -12.75
N THR B 17 1.31 2.31 -12.11
CA THR B 17 1.31 1.04 -12.82
C THR B 17 0.03 0.87 -13.67
N LYS B 18 0.16 0.10 -14.74
CA LYS B 18 -0.99 -0.37 -15.48
C LYS B 18 -1.50 -1.62 -14.77
N GLY B 19 -0.61 -2.43 -14.21
CA GLY B 19 -1.06 -3.63 -13.52
C GLY B 19 -1.95 -3.31 -12.32
N THR B 20 -3.01 -4.11 -12.09
CA THR B 20 -3.97 -3.76 -11.02
C THR B 20 -3.83 -4.62 -9.76
N PRO B 21 -4.30 -4.09 -8.61
CA PRO B 21 -4.84 -2.74 -8.48
C PRO B 21 -3.70 -1.73 -8.74
N CYS B 22 -4.03 -0.57 -9.29
CA CYS B 22 -2.98 0.35 -9.70
C CYS B 22 -2.32 0.98 -8.48
N ILE B 23 -0.99 1.02 -8.50
CA ILE B 23 -0.23 1.65 -7.44
C ILE B 23 0.68 2.69 -8.06
N TYR B 24 1.09 3.64 -7.24
CA TYR B 24 2.05 4.64 -7.69
C TYR B 24 3.44 4.22 -7.25
N TRP B 25 4.45 4.74 -7.95
CA TRP B 25 5.85 4.52 -7.58
C TRP B 25 6.74 5.65 -8.07
N LEU B 26 7.97 5.70 -7.57
CA LEU B 26 8.81 6.81 -7.91
C LEU B 26 10.27 6.48 -7.63
N PRO B 27 11.11 6.55 -8.66
CA PRO B 27 12.54 6.36 -8.48
C PRO B 27 13.21 7.58 -7.85
N LEU B 28 14.45 7.42 -7.48
CA LEU B 28 15.21 8.56 -6.96
C LEU B 28 15.32 9.61 -8.03
N THR B 29 15.35 10.87 -7.59
CA THR B 29 15.58 11.98 -8.50
C THR B 29 17.01 11.93 -9.03
N PRO B 30 17.20 12.36 -10.28
CA PRO B 30 18.55 12.46 -10.87
C PRO B 30 19.49 13.12 -9.87
N GLU B 31 18.95 14.16 -9.24
CA GLU B 31 19.64 14.89 -8.20
C GLU B 31 20.18 13.88 -7.21
N ALA B 32 19.26 13.13 -6.61
CA ALA B 32 19.55 12.22 -5.51
C ALA B 32 20.58 11.13 -5.85
N ILE B 33 20.47 10.58 -7.05
CA ILE B 33 21.42 9.57 -7.50
C ILE B 33 22.86 10.12 -7.49
N ALA B 34 23.04 11.31 -8.05
CA ALA B 34 24.37 11.90 -8.13
C ALA B 34 24.89 12.27 -6.74
N GLU B 35 23.98 12.57 -5.82
CA GLU B 35 24.36 13.16 -4.54
C GLU B 35 24.35 12.14 -3.43
N PRO C 3 8.48 9.74 17.55
CA PRO C 3 9.16 10.50 16.49
C PRO C 3 8.61 10.16 15.11
N GLU C 4 8.03 11.17 14.45
CA GLU C 4 7.41 10.98 13.15
C GLU C 4 8.02 11.88 12.07
N LYS C 5 8.11 11.34 10.85
CA LYS C 5 8.58 12.16 9.73
C LYS C 5 7.44 12.96 9.08
N PRO C 6 7.66 14.27 8.88
CA PRO C 6 6.61 15.05 8.20
C PRO C 6 6.51 14.57 6.78
N ILE C 7 5.33 14.49 6.23
CA ILE C 7 5.14 13.96 4.88
C ILE C 7 4.88 15.10 3.90
N ASP C 8 5.77 15.20 2.91
CA ASP C 8 5.62 16.13 1.77
C ASP C 8 4.92 15.38 0.67
N ARG C 9 3.66 15.70 0.45
CA ARG C 9 2.83 14.98 -0.50
C ARG C 9 3.15 15.22 -1.97
N GLU C 10 4.09 16.10 -2.25
CA GLU C 10 4.61 16.25 -3.59
C GLU C 10 5.87 15.41 -3.83
N LYS C 11 6.50 14.94 -2.77
CA LYS C 11 7.72 14.17 -2.87
C LYS C 11 7.53 12.71 -2.50
N THR C 12 6.56 12.44 -1.64
CA THR C 12 6.26 11.05 -1.23
C THR C 12 5.08 10.55 -2.02
N CYS C 13 5.24 9.44 -2.72
CA CYS C 13 4.12 8.99 -3.51
C CYS C 13 3.02 8.38 -2.60
N PRO C 14 1.77 8.51 -3.01
CA PRO C 14 0.68 8.04 -2.16
C PRO C 14 0.57 6.52 -2.14
N LEU C 15 -0.10 5.99 -1.10
CA LEU C 15 -0.34 4.58 -0.94
C LEU C 15 -1.75 4.32 -1.41
N LEU C 16 -1.98 3.09 -1.90
CA LEU C 16 -3.30 2.65 -2.30
C LEU C 16 -4.03 2.16 -1.03
N LEU C 17 -5.19 2.76 -0.76
CA LEU C 17 -6.01 2.34 0.37
C LEU C 17 -7.32 1.78 -0.16
N ARG C 18 -7.61 0.55 0.25
CA ARG C 18 -8.78 -0.13 -0.24
C ARG C 18 -9.82 -0.01 0.88
N VAL C 19 -10.90 0.69 0.60
CA VAL C 19 -11.90 1.02 1.62
C VAL C 19 -13.23 0.33 1.34
N PHE C 20 -13.82 -0.21 2.39
CA PHE C 20 -15.11 -0.90 2.32
C PHE C 20 -16.10 -0.21 3.28
N THR C 21 -17.38 -0.09 2.88
CA THR C 21 -18.33 0.66 3.67
C THR C 21 -19.62 -0.12 3.88
N THR C 22 -20.30 0.15 4.99
CA THR C 22 -21.67 -0.31 5.19
C THR C 22 -22.55 0.87 5.63
N ASN C 23 -23.86 0.72 5.54
CA ASN C 23 -24.75 1.84 5.83
C ASN C 23 -25.65 1.49 7.01
N ASN C 24 -25.29 0.45 7.76
CA ASN C 24 -26.14 -0.06 8.83
C ASN C 24 -25.45 -0.13 10.21
N GLY C 25 -24.28 0.50 10.33
CA GLY C 25 -23.62 0.58 11.62
C GLY C 25 -22.83 -0.66 12.01
N ARG C 26 -22.88 -1.71 11.18
CA ARG C 26 -22.12 -2.94 11.45
C ARG C 26 -21.03 -3.12 10.42
N HIS C 27 -19.83 -3.49 10.89
CA HIS C 27 -18.69 -3.74 10.00
C HIS C 27 -18.87 -5.06 9.25
N HIS C 28 -18.16 -5.20 8.14
CA HIS C 28 -18.13 -6.46 7.39
C HIS C 28 -17.63 -7.61 8.27
N ARG C 29 -18.10 -8.82 7.97
CA ARG C 29 -17.67 -10.03 8.65
C ARG C 29 -16.29 -10.39 8.14
N MET C 30 -15.51 -11.13 8.92
CA MET C 30 -14.14 -11.49 8.50
C MET C 30 -14.17 -12.50 7.35
N ASP C 31 -15.22 -13.31 7.30
CA ASP C 31 -15.36 -14.30 6.24
C ASP C 31 -15.53 -13.65 4.86
N GLU C 32 -15.87 -12.37 4.80
CA GLU C 32 -15.94 -11.71 3.51
C GLU C 32 -14.54 -11.35 2.94
N PHE C 33 -13.49 -11.55 3.74
CA PHE C 33 -12.10 -11.18 3.35
C PHE C 33 -11.17 -12.39 3.18
N SER C 34 -11.68 -13.58 3.43
CA SER C 34 -10.81 -14.76 3.40
C SER C 34 -10.20 -15.03 2.05
N ARG C 35 -8.90 -15.34 2.05
CA ARG C 35 -8.19 -15.76 0.84
C ARG C 35 -8.13 -14.68 -0.24
N GLY C 36 -8.23 -13.41 0.19
CA GLY C 36 -8.01 -12.31 -0.72
C GLY C 36 -9.30 -11.85 -1.35
N ASN C 37 -10.40 -12.56 -1.08
CA ASN C 37 -11.72 -12.06 -1.44
C ASN C 37 -11.98 -10.75 -0.71
N VAL C 38 -12.86 -9.93 -1.26
CA VAL C 38 -13.28 -8.73 -0.58
C VAL C 38 -14.74 -8.52 -0.87
N PRO C 39 -15.44 -7.79 0.02
CA PRO C 39 -16.84 -7.42 -0.18
C PRO C 39 -17.04 -6.55 -1.41
N SER C 40 -18.28 -6.48 -1.88
CA SER C 40 -18.65 -5.58 -2.96
C SER C 40 -18.44 -4.10 -2.61
N SER C 41 -18.41 -3.24 -3.62
CA SER C 41 -18.40 -1.79 -3.35
C SER C 41 -17.10 -1.33 -2.71
N GLU C 42 -15.99 -1.85 -3.22
CA GLU C 42 -14.71 -1.34 -2.77
C GLU C 42 -14.50 0.08 -3.28
N LEU C 43 -13.97 0.93 -2.43
CA LEU C 43 -13.67 2.28 -2.79
C LEU C 43 -12.14 2.41 -2.69
N GLN C 44 -11.52 2.83 -3.78
CA GLN C 44 -10.07 2.94 -3.82
C GLN C 44 -9.68 4.38 -3.67
N ILE C 45 -8.86 4.61 -2.65
CA ILE C 45 -8.34 5.95 -2.34
C ILE C 45 -6.81 5.94 -2.43
N TYR C 46 -6.22 7.04 -2.87
CA TYR C 46 -4.78 7.20 -2.83
C TYR C 46 -4.47 8.24 -1.77
N THR C 47 -3.72 7.86 -0.75
CA THR C 47 -3.52 8.77 0.38
C THR C 47 -2.11 8.62 0.99
N TRP C 48 -1.95 9.12 2.20
CA TRP C 48 -0.66 9.20 2.85
C TRP C 48 -0.81 8.76 4.30
N MET C 49 0.30 8.42 4.94
CA MET C 49 0.30 7.78 6.24
C MET C 49 -0.21 8.74 7.32
N ASP C 50 -0.16 10.05 7.01
CA ASP C 50 -0.67 11.08 7.93
C ASP C 50 -2.12 11.51 7.64
N ALA C 51 -2.82 10.76 6.79
CA ALA C 51 -4.26 10.97 6.62
C ALA C 51 -4.99 10.84 7.95
N THR C 52 -5.91 11.77 8.20
CA THR C 52 -6.71 11.74 9.43
C THR C 52 -8.10 11.20 9.16
N LEU C 53 -8.79 10.82 10.23
CA LEU C 53 -10.15 10.32 10.08
C LEU C 53 -11.04 11.41 9.48
N LYS C 54 -10.81 12.66 9.82
CA LYS C 54 -11.60 13.75 9.27
C LYS C 54 -11.37 13.87 7.75
N GLU C 55 -10.11 13.82 7.32
CA GLU C 55 -9.76 13.85 5.89
C GLU C 55 -10.39 12.71 5.11
N LEU C 56 -10.30 11.49 5.63
CA LEU C 56 -10.87 10.32 5.00
C LEU C 56 -12.38 10.39 4.94
N THR C 57 -13.00 10.88 6.00
CA THR C 57 -14.44 11.10 6.02
C THR C 57 -14.87 12.01 4.86
N SER C 58 -14.14 13.08 4.58
CA SER C 58 -14.54 13.97 3.48
C SER C 58 -14.41 13.30 2.11
N LEU C 59 -13.42 12.42 1.94
CA LEU C 59 -13.28 11.70 0.69
C LEU C 59 -14.46 10.75 0.52
N VAL C 60 -14.84 10.11 1.62
CA VAL C 60 -15.98 9.22 1.58
C VAL C 60 -17.28 9.98 1.25
N LYS C 61 -17.43 11.20 1.78
CA LYS C 61 -18.62 12.01 1.50
C LYS C 61 -18.63 12.44 0.05
N GLU C 62 -17.45 12.59 -0.54
CA GLU C 62 -17.31 12.94 -1.93
C GLU C 62 -17.94 11.83 -2.78
N VAL C 63 -17.69 10.58 -2.39
CA VAL C 63 -18.21 9.40 -3.11
C VAL C 63 -19.69 9.11 -2.78
N TYR C 64 -20.10 9.42 -1.56
CA TYR C 64 -21.50 9.17 -1.15
C TYR C 64 -22.10 10.43 -0.55
N PRO C 65 -22.69 11.27 -1.40
CA PRO C 65 -23.20 12.57 -0.92
C PRO C 65 -24.29 12.44 0.16
N GLU C 66 -25.05 11.35 0.18
CA GLU C 66 -26.06 11.16 1.23
C GLU C 66 -25.40 11.16 2.63
N ALA C 67 -24.19 10.62 2.72
CA ALA C 67 -23.41 10.60 3.95
C ALA C 67 -23.04 12.00 4.45
N ARG C 68 -23.28 13.03 3.63
CA ARG C 68 -23.02 14.43 4.03
C ARG C 68 -23.98 14.97 5.10
N LYS C 69 -25.17 14.38 5.18
CA LYS C 69 -26.23 14.87 6.07
C LYS C 69 -25.71 14.99 7.51
N LYS C 70 -25.92 16.15 8.09
CA LYS C 70 -25.55 16.40 9.48
C LYS C 70 -26.06 15.25 10.35
N GLY C 71 -25.19 14.72 11.21
CA GLY C 71 -25.58 13.66 12.13
C GLY C 71 -25.12 12.27 11.72
N THR C 72 -24.62 12.12 10.49
CA THR C 72 -24.15 10.83 10.00
C THR C 72 -22.88 10.40 10.78
N HIS C 73 -22.89 9.16 11.27
CA HIS C 73 -21.79 8.61 12.07
C HIS C 73 -20.92 7.66 11.22
N PHE C 74 -19.61 7.89 11.27
CA PHE C 74 -18.61 7.06 10.57
C PHE C 74 -17.78 6.28 11.58
N ASN C 75 -17.92 4.97 11.61
CA ASN C 75 -17.09 4.19 12.51
C ASN C 75 -15.96 3.51 11.73
N PHE C 76 -14.72 3.88 12.06
CA PHE C 76 -13.55 3.40 11.32
C PHE C 76 -12.93 2.17 12.01
N ALA C 77 -12.61 1.17 11.21
CA ALA C 77 -11.96 -0.06 11.69
C ALA C 77 -10.89 -0.46 10.69
N ILE C 78 -9.76 -0.96 11.18
CA ILE C 78 -8.73 -1.53 10.30
C ILE C 78 -8.87 -3.03 10.24
N VAL C 79 -8.87 -3.56 9.03
CA VAL C 79 -8.92 -4.99 8.82
C VAL C 79 -7.54 -5.44 8.34
N PHE C 80 -6.96 -6.40 9.05
CA PHE C 80 -5.56 -6.70 8.87
C PHE C 80 -5.25 -8.15 9.08
N MET C 81 -4.32 -8.66 8.29
CA MET C 81 -3.93 -10.04 8.44
C MET C 81 -3.00 -10.12 9.64
N ASP C 82 -3.31 -11.06 10.51
CA ASP C 82 -2.50 -11.33 11.69
C ASP C 82 -1.99 -12.73 11.46
N LEU C 83 -0.70 -12.86 11.21
CA LEU C 83 -0.12 -14.17 10.94
C LEU C 83 -0.23 -15.05 12.18
N LYS C 84 -0.22 -14.45 13.37
CA LYS C 84 -0.28 -15.21 14.63
C LYS C 84 -1.54 -16.12 14.75
N ARG C 85 -2.72 -15.55 14.50
CA ARG C 85 -3.92 -16.34 14.19
C ARG C 85 -3.89 -16.58 12.69
N PRO C 86 -4.34 -17.76 12.23
CA PRO C 86 -4.31 -17.88 10.77
C PRO C 86 -5.49 -17.16 10.08
N GLY C 87 -5.52 -15.83 10.14
CA GLY C 87 -6.58 -15.08 9.48
C GLY C 87 -6.71 -13.57 9.76
N TYR C 88 -7.62 -12.92 9.01
CA TYR C 88 -7.91 -11.49 9.16
C TYR C 88 -8.63 -11.17 10.47
N ARG C 89 -8.34 -9.99 10.99
CA ARG C 89 -8.96 -9.54 12.21
C ARG C 89 -9.41 -8.12 11.96
N VAL C 90 -10.35 -7.66 12.77
CA VAL C 90 -10.80 -6.29 12.65
C VAL C 90 -10.68 -5.60 13.99
N LYS C 91 -10.22 -4.36 13.94
CA LYS C 91 -10.00 -3.57 15.15
C LYS C 91 -10.59 -2.19 14.93
N GLU C 92 -11.59 -1.82 15.72
CA GLU C 92 -12.20 -0.52 15.59
C GLU C 92 -11.23 0.52 16.11
N ILE C 93 -11.05 1.62 15.39
CA ILE C 93 -10.11 2.67 15.81
C ILE C 93 -10.69 4.02 16.23
N GLY C 94 -11.84 4.41 15.70
CA GLY C 94 -12.40 5.70 16.08
C GLY C 94 -13.59 6.05 15.23
N SER C 95 -14.20 7.19 15.50
CA SER C 95 -15.38 7.56 14.75
C SER C 95 -15.39 9.06 14.49
N THR C 96 -16.16 9.47 13.48
CA THR C 96 -16.43 10.88 13.21
C THR C 96 -17.92 11.02 12.99
N MET C 97 -18.41 12.26 13.02
CA MET C 97 -19.80 12.56 12.73
C MET C 97 -19.87 13.80 11.84
N SER C 98 -20.67 13.72 10.78
CA SER C 98 -20.96 14.89 9.98
C SER C 98 -21.45 16.05 10.83
N GLY C 99 -20.81 17.20 10.68
CA GLY C 99 -21.26 18.41 11.35
C GLY C 99 -20.83 18.53 12.80
N ARG C 100 -20.07 17.56 13.32
CA ARG C 100 -19.56 17.63 14.68
C ARG C 100 -18.05 17.49 14.72
N LYS C 101 -17.43 18.17 15.68
CA LYS C 101 -15.99 18.07 15.91
C LYS C 101 -15.77 17.13 17.09
N GLY C 102 -15.13 16.00 16.81
CA GLY C 102 -14.93 14.95 17.80
C GLY C 102 -13.46 14.74 18.04
N THR C 103 -13.14 13.99 19.10
CA THR C 103 -11.77 13.77 19.52
C THR C 103 -11.02 12.73 18.69
N ASP C 104 -11.62 12.23 17.62
CA ASP C 104 -10.88 11.30 16.75
C ASP C 104 -10.64 11.92 15.40
N ASP C 105 -11.14 13.14 15.22
CA ASP C 105 -11.06 13.80 13.94
C ASP C 105 -9.64 13.78 13.41
N SER C 106 -8.68 13.97 14.29
CA SER C 106 -7.30 14.14 13.89
C SER C 106 -6.46 12.88 14.04
N MET C 107 -7.11 11.77 14.39
CA MET C 107 -6.38 10.51 14.49
C MET C 107 -5.86 10.14 13.10
N THR C 108 -4.58 9.78 12.99
CA THR C 108 -4.00 9.37 11.72
C THR C 108 -3.80 7.88 11.59
N LEU C 109 -3.66 7.43 10.34
CA LEU C 109 -3.39 6.04 10.08
C LEU C 109 -2.15 5.56 10.84
N GLN C 110 -1.05 6.30 10.72
CA GLN C 110 0.21 5.82 11.27
C GLN C 110 0.15 5.83 12.80
N SER C 111 -0.67 6.70 13.37
CA SER C 111 -0.83 6.74 14.84
C SER C 111 -1.46 5.45 15.32
N GLN C 112 -2.18 4.78 14.43
CA GLN C 112 -2.84 3.53 14.74
C GLN C 112 -2.04 2.34 14.27
N LYS C 113 -0.80 2.56 13.84
CA LYS C 113 0.07 1.46 13.41
C LYS C 113 -0.52 0.72 12.20
N PHE C 114 -1.27 1.47 11.41
CA PHE C 114 -1.75 0.99 10.14
C PHE C 114 -0.56 0.57 9.27
N GLN C 115 -0.67 -0.58 8.61
CA GLN C 115 0.37 -0.99 7.66
C GLN C 115 -0.24 -1.01 6.28
N ILE C 116 0.50 -0.47 5.31
CA ILE C 116 -0.03 -0.34 3.97
C ILE C 116 -0.46 -1.69 3.40
N GLY C 117 -1.66 -1.74 2.86
CA GLY C 117 -2.22 -3.00 2.43
C GLY C 117 -3.33 -3.47 3.36
N ASP C 118 -3.31 -3.01 4.60
CA ASP C 118 -4.41 -3.30 5.53
C ASP C 118 -5.65 -2.65 4.92
N TYR C 119 -6.81 -3.29 5.08
CA TYR C 119 -8.05 -2.64 4.65
C TYR C 119 -8.65 -1.66 5.69
N LEU C 120 -9.40 -0.68 5.21
CA LEU C 120 -10.20 0.18 6.09
C LEU C 120 -11.71 -0.16 5.91
N ASP C 121 -12.40 -0.41 7.03
CA ASP C 121 -13.81 -0.75 6.96
C ASP C 121 -14.57 0.33 7.72
N ILE C 122 -15.56 0.93 7.05
CA ILE C 122 -16.26 2.09 7.62
C ILE C 122 -17.78 1.83 7.71
N ALA C 123 -18.23 1.61 8.95
CA ALA C 123 -19.64 1.38 9.22
C ALA C 123 -20.32 2.73 9.43
N ILE C 124 -21.24 3.05 8.54
CA ILE C 124 -21.84 4.36 8.50
C ILE C 124 -23.28 4.25 8.98
N THR C 125 -23.66 5.13 9.90
CA THR C 125 -25.03 5.15 10.43
C THR C 125 -25.67 6.47 10.07
N PRO C 126 -26.72 6.44 9.25
CA PRO C 126 -27.50 7.65 8.98
C PRO C 126 -28.11 8.25 10.25
N PRO C 127 -28.40 9.55 10.23
CA PRO C 127 -28.87 10.20 11.45
C PRO C 127 -30.32 9.84 11.76
#